data_2PH4
#
_entry.id   2PH4
#
_cell.length_a   72.933
_cell.length_b   72.933
_cell.length_c   93.938
_cell.angle_alpha   90.00
_cell.angle_beta   90.00
_cell.angle_gamma   120.00
#
_symmetry.space_group_name_H-M   'P 64'
#
loop_
_entity.id
_entity.type
_entity.pdbx_description
1 polymer Zhaoermiatoxin
2 non-polymer 'SULFATE ION'
3 non-polymer DI(HYDROXYETHYL)ETHER
4 water water
#
_entity_poly.entity_id   1
_entity_poly.type   'polypeptide(L)'
_entity_poly.pdbx_seq_one_letter_code
;SLIELTKMVFQETGKNPVTYYTLYGCNCGVGRRGKPKDATDRCCFVHRCCYKKLTGCDPKKDRYSYSWENKAIVCGEKNP
CLKELCECDKAVAICLRKNLGTYDKNYRFTMKFLCDKPEKC
;
_entity_poly.pdbx_strand_id   A,B
#
loop_
_chem_comp.id
_chem_comp.type
_chem_comp.name
_chem_comp.formula
PEG non-polymer DI(HYDROXYETHYL)ETHER 'C4 H10 O3'
SO4 non-polymer 'SULFATE ION' 'O4 S -2'
#
# COMPACT_ATOMS: atom_id res chain seq x y z
N SER A 1 13.98 5.43 6.50
CA SER A 1 13.33 4.48 5.58
C SER A 1 11.87 4.24 6.00
N LEU A 2 11.11 3.62 5.10
CA LEU A 2 9.75 3.17 5.37
C LEU A 2 9.70 2.22 6.58
N ILE A 3 10.78 1.46 6.81
CA ILE A 3 10.93 0.62 8.03
C ILE A 3 10.78 1.45 9.28
N GLU A 4 11.52 2.54 9.34
CA GLU A 4 11.52 3.38 10.51
C GLU A 4 10.23 4.16 10.54
N LEU A 5 9.82 4.70 9.41
CA LEU A 5 8.52 5.39 9.36
C LEU A 5 7.40 4.54 9.89
N THR A 6 7.35 3.32 9.42
CA THR A 6 6.21 2.43 9.70
C THR A 6 6.21 2.05 11.17
N LYS A 7 7.41 1.76 11.69
CA LYS A 7 7.60 1.50 13.13
C LYS A 7 7.14 2.69 13.92
N MET A 8 7.60 3.89 13.58
CA MET A 8 7.22 5.10 14.37
C MET A 8 5.72 5.36 14.37
N VAL A 9 5.10 5.19 13.19
CA VAL A 9 3.70 5.48 13.07
C VAL A 9 3.09 4.38 13.95
N PHE A 10 3.63 3.15 13.87
CA PHE A 10 3.01 2.17 14.72
C PHE A 10 3.17 2.57 16.19
N GLN A 11 4.34 3.07 16.53
CA GLN A 11 4.70 3.35 17.93
C GLN A 11 3.82 4.38 18.51
N GLU A 12 3.61 5.45 17.75
CA GLU A 12 2.80 6.56 18.13
C GLU A 12 1.34 6.19 18.19
N THR A 13 0.82 5.59 17.14
CA THR A 13 -0.63 5.46 16.97
C THR A 13 -1.12 4.15 17.56
N GLY A 14 -0.28 3.14 17.44
CA GLY A 14 -0.59 1.81 17.98
C GLY A 14 -1.50 1.08 17.03
N LYS A 15 -1.63 1.61 15.80
CA LYS A 15 -2.51 1.03 14.82
C LYS A 15 -1.58 0.38 13.83
N ASN A 16 -2.07 -0.66 13.17
CA ASN A 16 -1.40 -1.22 12.03
C ASN A 16 -1.32 -0.10 10.93
N PRO A 17 -0.09 0.33 10.54
CA PRO A 17 0.02 1.47 9.64
C PRO A 17 -0.30 1.09 8.21
N VAL A 18 -0.23 -0.23 7.96
CA VAL A 18 -0.56 -0.81 6.69
C VAL A 18 -2.06 -0.68 6.48
N THR A 19 -2.86 -1.07 7.45
CA THR A 19 -4.31 -1.01 7.27
C THR A 19 -4.82 0.40 7.44
N TYR A 20 -4.25 1.13 8.40
CA TYR A 20 -4.66 2.48 8.67
C TYR A 20 -4.18 3.51 7.66
N TYR A 21 -2.99 3.33 7.10
CA TYR A 21 -2.34 4.47 6.48
C TYR A 21 -1.73 4.18 5.16
N THR A 22 -1.79 2.94 4.73
CA THR A 22 -1.40 2.68 3.37
C THR A 22 -2.26 3.52 2.44
N LEU A 23 -3.52 3.66 2.73
CA LEU A 23 -4.37 4.41 1.85
C LEU A 23 -5.34 5.11 2.72
N TYR A 24 -5.15 6.42 2.84
CA TYR A 24 -6.03 7.24 3.60
C TYR A 24 -6.10 8.62 2.99
N GLY A 25 -7.30 9.14 2.75
CA GLY A 25 -7.50 10.47 2.14
C GLY A 25 -6.71 10.66 0.86
N CYS A 26 -6.15 11.85 0.68
CA CYS A 26 -5.52 12.18 -0.59
C CYS A 26 -4.06 12.16 -0.46
N ASN A 27 -3.55 12.02 0.76
CA ASN A 27 -2.09 12.05 0.94
C ASN A 27 -1.37 10.90 1.53
N CYS A 28 -2.05 10.06 2.27
CA CYS A 28 -1.40 8.96 2.98
C CYS A 28 -1.30 7.77 2.08
N GLY A 29 -0.07 7.33 1.85
CA GLY A 29 0.20 6.15 1.07
C GLY A 29 0.67 6.50 -0.31
N VAL A 30 1.34 5.57 -0.98
CA VAL A 30 2.01 5.90 -2.24
C VAL A 30 1.04 6.34 -3.31
N GLY A 31 1.51 7.30 -4.08
CA GLY A 31 0.80 7.81 -5.20
C GLY A 31 -0.44 8.58 -4.93
N ARG A 32 -0.67 8.92 -3.67
CA ARG A 32 -1.82 9.75 -3.31
C ARG A 32 -1.36 11.20 -3.23
N ARG A 33 -2.12 12.08 -3.88
CA ARG A 33 -1.97 13.54 -3.83
C ARG A 33 -3.34 14.19 -3.80
N GLY A 34 -3.48 15.32 -3.12
CA GLY A 34 -4.74 16.05 -3.16
C GLY A 34 -4.91 16.91 -1.93
N LYS A 35 -5.90 17.78 -1.94
CA LYS A 35 -6.15 18.57 -0.76
C LYS A 35 -6.47 17.64 0.42
N PRO A 36 -5.75 17.80 1.55
CA PRO A 36 -6.05 16.91 2.65
C PRO A 36 -7.51 17.03 3.04
N LYS A 37 -8.11 15.87 3.27
CA LYS A 37 -9.52 15.72 3.56
C LYS A 37 -9.80 15.96 5.00
N ASP A 38 -8.77 15.79 5.84
CA ASP A 38 -8.94 16.02 7.27
C ASP A 38 -7.57 16.05 7.89
N ALA A 39 -7.48 16.04 9.22
CA ALA A 39 -6.20 16.30 9.90
C ALA A 39 -5.20 15.18 9.68
N THR A 40 -5.68 13.94 9.74
CA THR A 40 -4.89 12.72 9.49
C THR A 40 -4.26 12.74 8.11
N ASP A 41 -5.10 12.96 7.10
CA ASP A 41 -4.69 13.23 5.74
C ASP A 41 -3.64 14.34 5.66
N ARG A 42 -3.91 15.46 6.33
CA ARG A 42 -2.97 16.56 6.37
C ARG A 42 -1.68 16.16 7.02
N CYS A 43 -1.72 15.31 8.05
CA CYS A 43 -0.45 14.77 8.61
C CYS A 43 0.42 14.25 7.51
N CYS A 44 -0.18 13.50 6.61
CA CYS A 44 0.51 12.84 5.55
C CYS A 44 1.04 13.77 4.53
N PHE A 45 0.24 14.80 4.21
CA PHE A 45 0.68 15.87 3.34
C PHE A 45 1.85 16.57 3.97
N VAL A 46 1.74 16.98 5.24
CA VAL A 46 2.89 17.65 5.86
C VAL A 46 4.15 16.77 5.81
N HIS A 47 3.99 15.46 6.00
CA HIS A 47 5.06 14.55 5.95
C HIS A 47 5.70 14.53 4.54
N ARG A 48 4.93 14.40 3.49
CA ARG A 48 5.52 14.55 2.16
C ARG A 48 6.15 15.90 1.94
N CYS A 49 5.55 16.99 2.40
CA CYS A 49 6.22 18.31 2.40
C CYS A 49 7.51 18.30 3.14
N CYS A 50 7.54 17.57 4.24
CA CYS A 50 8.74 17.43 4.99
C CYS A 50 9.85 16.74 4.17
N TYR A 51 9.53 15.59 3.62
CA TYR A 51 10.42 14.87 2.71
C TYR A 51 10.84 15.78 1.57
N LYS A 52 9.92 16.62 1.12
CA LYS A 52 10.18 17.41 -0.07
C LYS A 52 11.33 18.35 0.20
N LYS A 53 11.43 18.84 1.42
CA LYS A 53 12.47 19.79 1.84
C LYS A 53 13.86 19.19 2.05
N LEU A 54 13.92 17.87 2.12
CA LEU A 54 15.14 17.18 2.44
C LEU A 54 16.07 17.17 1.23
N THR A 55 17.34 17.46 1.47
CA THR A 55 18.30 17.37 0.41
C THR A 55 19.42 16.51 0.97
N GLY A 56 19.74 15.40 0.32
CA GLY A 56 20.93 14.72 0.72
C GLY A 56 20.72 13.32 1.14
N CYS A 57 19.47 12.86 1.14
CA CYS A 57 19.18 11.46 1.46
C CYS A 57 17.81 11.05 0.94
N ASP A 58 17.50 9.79 1.12
CA ASP A 58 16.37 9.20 0.46
C ASP A 58 15.37 8.77 1.52
N PRO A 59 14.21 9.43 1.55
CA PRO A 59 13.30 9.15 2.68
C PRO A 59 12.78 7.71 2.70
N LYS A 60 12.70 7.10 1.52
CA LYS A 60 12.27 5.71 1.38
C LYS A 60 13.32 4.70 1.87
N LYS A 61 14.57 4.85 1.40
CA LYS A 61 15.60 3.80 1.51
C LYS A 61 16.48 3.86 2.76
N ASP A 62 16.76 5.10 3.18
CA ASP A 62 17.88 5.35 4.02
C ASP A 62 17.48 5.05 5.46
N ARG A 63 18.14 4.04 6.02
CA ARG A 63 17.90 3.65 7.40
C ARG A 63 18.44 4.77 8.26
N TYR A 64 17.91 4.91 9.44
CA TYR A 64 18.44 5.88 10.35
C TYR A 64 18.14 5.45 11.75
N SER A 65 18.78 6.15 12.67
CA SER A 65 18.82 5.73 14.01
C SER A 65 17.86 6.56 14.80
N TYR A 66 16.90 5.89 15.41
CA TYR A 66 16.19 6.56 16.41
C TYR A 66 15.97 5.58 17.49
N SER A 67 15.62 6.14 18.64
CA SER A 67 15.29 5.36 19.81
C SER A 67 13.91 5.78 20.19
N TRP A 68 13.33 4.89 20.99
CA TRP A 68 12.05 5.09 21.61
C TRP A 68 12.40 5.11 23.10
N GLU A 69 12.40 6.32 23.65
CA GLU A 69 12.83 6.59 24.99
C GLU A 69 11.70 7.22 25.65
N ASN A 70 11.27 6.62 26.76
CA ASN A 70 10.08 7.05 27.53
C ASN A 70 8.86 7.21 26.61
N LYS A 71 8.75 6.25 25.70
CA LYS A 71 7.65 6.17 24.74
C LYS A 71 7.47 7.50 23.94
N ALA A 72 8.60 8.02 23.51
CA ALA A 72 8.66 9.17 22.62
C ALA A 72 9.81 8.83 21.71
N ILE A 73 9.71 9.25 20.44
CA ILE A 73 10.76 8.97 19.47
C ILE A 73 11.86 9.99 19.68
N VAL A 74 13.11 9.54 19.54
CA VAL A 74 14.21 10.41 19.66
C VAL A 74 15.02 10.13 18.46
N CYS A 75 15.19 11.17 17.63
CA CYS A 75 16.01 11.04 16.44
C CYS A 75 17.46 11.23 16.81
N GLY A 76 18.00 10.23 17.47
CA GLY A 76 19.40 10.27 17.88
C GLY A 76 20.35 10.32 16.70
N GLU A 77 19.83 10.02 15.50
CA GLU A 77 20.60 10.10 14.24
C GLU A 77 21.53 11.33 14.23
N LYS A 78 22.84 11.12 14.02
CA LYS A 78 23.87 12.22 13.97
C LYS A 78 23.86 12.92 12.62
N ASN A 79 23.73 12.12 11.57
CA ASN A 79 23.90 12.61 10.23
C ASN A 79 22.73 13.42 9.67
N PRO A 80 22.97 14.65 9.13
CA PRO A 80 22.11 15.77 9.44
C PRO A 80 20.83 15.48 8.60
N CYS A 81 20.97 14.92 7.37
CA CYS A 81 19.80 14.68 6.49
C CYS A 81 18.96 13.54 7.04
N LEU A 82 19.63 12.50 7.49
CA LEU A 82 18.96 11.35 8.01
C LEU A 82 18.21 11.70 9.30
N LYS A 83 18.71 12.67 10.04
CA LYS A 83 18.00 13.10 11.25
C LYS A 83 16.80 13.96 10.93
N GLU A 84 16.93 14.80 9.92
CA GLU A 84 15.79 15.52 9.38
C GLU A 84 14.72 14.55 8.87
N LEU A 85 15.16 13.48 8.22
CA LEU A 85 14.23 12.56 7.62
C LEU A 85 13.59 11.84 8.82
N CYS A 86 14.36 11.55 9.85
CA CYS A 86 13.84 11.00 11.05
C CYS A 86 12.77 11.93 11.70
N GLU A 87 13.04 13.25 11.72
CA GLU A 87 12.14 14.19 12.30
C GLU A 87 10.86 14.29 11.54
N CYS A 88 10.90 14.08 10.23
CA CYS A 88 9.70 14.13 9.36
C CYS A 88 8.83 13.00 9.74
N ASP A 89 9.48 11.84 9.88
CA ASP A 89 8.78 10.59 10.17
C ASP A 89 8.29 10.65 11.56
N LYS A 90 9.10 11.24 12.42
CA LYS A 90 8.73 11.32 13.82
C LYS A 90 7.51 12.23 13.92
N ALA A 91 7.52 13.31 13.16
CA ALA A 91 6.42 14.24 13.16
C ALA A 91 5.11 13.68 12.66
N VAL A 92 5.15 12.93 11.57
CA VAL A 92 3.94 12.37 11.03
C VAL A 92 3.39 11.34 12.02
N ALA A 93 4.26 10.59 12.67
CA ALA A 93 3.78 9.53 13.54
C ALA A 93 2.96 10.20 14.65
N ILE A 94 3.54 11.29 15.17
CA ILE A 94 2.97 12.05 16.25
C ILE A 94 1.70 12.67 15.77
N CYS A 95 1.73 13.25 14.56
CA CYS A 95 0.57 13.86 14.00
C CYS A 95 -0.56 12.84 13.80
N LEU A 96 -0.22 11.66 13.33
CA LEU A 96 -1.28 10.68 13.08
C LEU A 96 -1.89 10.27 14.44
N ARG A 97 -1.08 10.00 15.41
CA ARG A 97 -1.59 9.66 16.72
C ARG A 97 -2.48 10.81 17.23
N LYS A 98 -1.99 12.04 17.16
CA LYS A 98 -2.74 13.16 17.69
C LYS A 98 -4.12 13.24 17.07
N ASN A 99 -4.23 12.77 15.82
CA ASN A 99 -5.42 13.03 15.04
C ASN A 99 -6.23 11.84 14.88
N LEU A 100 -5.84 10.80 15.57
CA LEU A 100 -6.67 9.62 15.71
C LEU A 100 -8.10 10.00 16.21
N GLY A 101 -8.22 11.11 16.95
CA GLY A 101 -9.56 11.60 17.42
C GLY A 101 -10.55 11.72 16.25
N THR A 102 -10.05 12.21 15.13
CA THR A 102 -10.93 12.49 14.01
C THR A 102 -10.70 11.58 12.86
N TYR A 103 -9.94 10.48 13.04
CA TYR A 103 -9.63 9.52 11.95
C TYR A 103 -10.96 8.99 11.46
N ASP A 104 -11.09 8.90 10.15
CA ASP A 104 -12.32 8.53 9.52
C ASP A 104 -12.03 7.38 8.64
N LYS A 105 -12.46 6.19 9.03
CA LYS A 105 -12.26 5.00 8.20
C LYS A 105 -12.82 5.20 6.80
N ASN A 106 -13.81 6.10 6.66
CA ASN A 106 -14.31 6.38 5.29
C ASN A 106 -13.18 6.76 4.28
N TYR A 107 -12.17 7.49 4.77
CA TYR A 107 -11.15 7.99 3.86
C TYR A 107 -10.18 6.99 3.37
N ARG A 108 -10.40 5.73 3.74
CA ARG A 108 -9.56 4.65 3.24
C ARG A 108 -9.98 4.16 1.89
N PHE A 109 -11.20 4.51 1.51
CA PHE A 109 -11.74 3.94 0.26
C PHE A 109 -11.65 4.87 -0.93
N THR A 110 -10.58 4.77 -1.69
CA THR A 110 -10.30 5.65 -2.80
C THR A 110 -11.56 6.19 -3.52
N MET A 111 -12.45 5.28 -3.98
CA MET A 111 -13.61 5.67 -4.80
CA MET A 111 -13.61 5.70 -4.79
C MET A 111 -14.74 6.32 -3.97
N LYS A 112 -14.61 6.35 -2.65
CA LYS A 112 -15.64 6.97 -1.79
C LYS A 112 -15.60 8.51 -1.70
N PHE A 113 -14.54 9.12 -2.21
CA PHE A 113 -14.39 10.57 -2.09
C PHE A 113 -13.48 11.08 -3.18
N LEU A 114 -13.51 12.40 -3.34
CA LEU A 114 -12.66 13.02 -4.35
C LEU A 114 -11.44 13.69 -3.71
N CYS A 115 -10.32 13.65 -4.42
CA CYS A 115 -9.22 14.50 -4.07
C CYS A 115 -9.22 15.75 -4.92
N ASP A 116 -9.37 16.91 -4.28
CA ASP A 116 -9.12 18.20 -4.98
C ASP A 116 -7.62 18.39 -5.18
N LYS A 117 -7.26 19.44 -5.93
CA LYS A 117 -5.89 19.77 -6.32
C LYS A 117 -5.04 19.82 -5.09
N PRO A 118 -3.85 19.20 -5.16
CA PRO A 118 -3.02 19.28 -4.00
C PRO A 118 -2.81 20.71 -3.61
N GLU A 119 -2.73 20.95 -2.32
CA GLU A 119 -2.24 22.23 -1.87
C GLU A 119 -0.74 22.13 -2.04
N LYS A 120 -0.12 23.28 -2.07
CA LYS A 120 1.30 23.35 -2.16
C LYS A 120 1.81 23.36 -0.73
N CYS A 121 2.96 22.77 -0.54
CA CYS A 121 3.64 22.74 0.74
C CYS A 121 3.98 24.18 1.15
N SER B 1 -7.19 -15.60 1.59
CA SER B 1 -7.48 -14.26 2.10
C SER B 1 -6.43 -13.34 1.59
N LEU B 2 -6.64 -12.06 1.94
CA LEU B 2 -5.71 -11.01 1.66
C LEU B 2 -4.34 -11.32 2.19
N ILE B 3 -4.33 -11.89 3.40
CA ILE B 3 -3.10 -12.20 4.07
C ILE B 3 -2.28 -13.06 3.14
N GLU B 4 -2.82 -14.20 2.72
CA GLU B 4 -2.11 -15.11 1.86
C GLU B 4 -1.76 -14.59 0.48
N LEU B 5 -2.65 -13.78 -0.06
CA LEU B 5 -2.51 -13.20 -1.37
C LEU B 5 -1.36 -12.20 -1.26
N THR B 6 -1.34 -11.37 -0.24
CA THR B 6 -0.24 -10.38 -0.05
C THR B 6 1.10 -11.10 0.12
N LYS B 7 1.06 -12.16 0.89
CA LYS B 7 2.21 -13.00 1.13
C LYS B 7 2.74 -13.60 -0.17
N MET B 8 1.86 -14.26 -0.94
CA MET B 8 2.22 -14.80 -2.24
C MET B 8 2.73 -13.78 -3.13
N VAL B 9 2.04 -12.67 -3.23
CA VAL B 9 2.60 -11.64 -4.10
C VAL B 9 4.00 -11.17 -3.69
N PHE B 10 4.22 -10.85 -2.43
CA PHE B 10 5.59 -10.65 -1.94
C PHE B 10 6.50 -11.81 -2.34
N GLN B 11 6.07 -13.02 -2.07
CA GLN B 11 6.92 -14.19 -2.28
C GLN B 11 7.43 -14.31 -3.71
N GLU B 12 6.52 -14.11 -4.65
CA GLU B 12 6.89 -14.06 -6.06
C GLU B 12 7.65 -12.81 -6.46
N THR B 13 7.18 -11.64 -6.09
CA THR B 13 7.75 -10.48 -6.75
C THR B 13 9.04 -10.05 -6.05
N GLY B 14 9.09 -10.35 -4.75
CA GLY B 14 10.05 -9.76 -3.85
C GLY B 14 9.72 -8.33 -3.53
N LYS B 15 8.54 -7.86 -3.87
CA LYS B 15 8.24 -6.44 -3.76
C LYS B 15 7.25 -6.24 -2.64
N ASN B 16 7.31 -5.11 -1.95
CA ASN B 16 6.29 -4.79 -0.97
C ASN B 16 4.96 -4.75 -1.74
N PRO B 17 4.06 -5.71 -1.47
CA PRO B 17 2.84 -5.83 -2.23
C PRO B 17 1.94 -4.69 -1.90
N VAL B 18 2.10 -4.19 -0.69
CA VAL B 18 1.17 -3.23 -0.23
C VAL B 18 1.42 -1.92 -0.90
N THR B 19 2.67 -1.57 -1.12
CA THR B 19 2.94 -0.34 -1.83
C THR B 19 2.93 -0.50 -3.37
N TYR B 20 3.36 -1.65 -3.85
CA TYR B 20 3.36 -1.94 -5.28
C TYR B 20 1.98 -2.07 -5.89
N TYR B 21 1.07 -2.69 -5.13
CA TYR B 21 -0.19 -3.16 -5.68
C TYR B 21 -1.44 -2.80 -4.96
N THR B 22 -1.37 -1.88 -4.03
CA THR B 22 -2.57 -1.45 -3.32
C THR B 22 -3.43 -0.67 -4.30
N LEU B 23 -2.79 0.21 -5.01
CA LEU B 23 -3.41 0.95 -6.07
C LEU B 23 -2.39 0.91 -7.17
N TYR B 24 -2.78 0.33 -8.30
CA TYR B 24 -1.96 0.43 -9.46
C TYR B 24 -2.81 0.29 -10.70
N GLY B 25 -2.62 1.21 -11.64
CA GLY B 25 -3.34 1.14 -12.88
C GLY B 25 -4.83 1.24 -12.66
N CYS B 26 -5.56 0.53 -13.48
CA CYS B 26 -6.99 0.62 -13.43
C CYS B 26 -7.65 -0.47 -12.71
N ASN B 27 -6.91 -1.52 -12.44
CA ASN B 27 -7.44 -2.74 -11.84
C ASN B 27 -6.78 -3.20 -10.54
N CYS B 28 -5.65 -2.64 -10.21
CA CYS B 28 -5.01 -3.11 -8.97
C CYS B 28 -5.48 -2.22 -7.92
N GLY B 29 -6.26 -2.79 -7.01
CA GLY B 29 -6.70 -2.08 -5.85
C GLY B 29 -8.18 -2.17 -5.75
N VAL B 30 -8.67 -1.93 -4.54
CA VAL B 30 -10.08 -2.14 -4.20
C VAL B 30 -11.08 -1.32 -5.03
N GLY B 31 -10.86 -0.04 -5.21
CA GLY B 31 -11.91 0.64 -5.98
C GLY B 31 -12.13 0.17 -7.43
N ARG B 32 -11.15 -0.55 -7.96
CA ARG B 32 -10.61 -0.17 -9.28
C ARG B 32 -10.97 -1.10 -10.38
N ARG B 33 -11.60 -0.55 -11.41
CA ARG B 33 -11.88 -1.28 -12.64
C ARG B 33 -11.57 -0.35 -13.80
N GLY B 34 -11.08 -0.93 -14.89
CA GLY B 34 -10.82 -0.12 -16.05
C GLY B 34 -9.94 -0.91 -16.95
N LYS B 35 -9.93 -0.57 -18.23
CA LYS B 35 -9.04 -1.23 -19.17
C LYS B 35 -7.62 -1.33 -18.61
N PRO B 36 -7.00 -2.55 -18.62
CA PRO B 36 -5.67 -2.61 -18.08
C PRO B 36 -4.74 -1.63 -18.76
N LYS B 37 -3.95 -0.95 -17.96
CA LYS B 37 -2.94 -0.07 -18.50
C LYS B 37 -1.75 -0.78 -19.01
N ASP B 38 -1.42 -1.89 -18.38
CA ASP B 38 -0.20 -2.58 -18.72
C ASP B 38 -0.31 -3.97 -18.13
N ALA B 39 0.77 -4.72 -18.28
CA ALA B 39 0.76 -6.11 -18.02
C ALA B 39 0.45 -6.31 -16.55
N THR B 40 1.14 -5.56 -15.70
CA THR B 40 0.84 -5.57 -14.29
C THR B 40 -0.59 -5.36 -14.03
N ASP B 41 -1.14 -4.29 -14.58
CA ASP B 41 -2.50 -3.96 -14.37
C ASP B 41 -3.37 -5.14 -14.80
N ARG B 42 -2.99 -5.71 -15.93
CA ARG B 42 -3.70 -6.88 -16.49
C ARG B 42 -3.67 -8.10 -15.53
N CYS B 43 -2.60 -8.23 -14.80
CA CYS B 43 -2.57 -9.35 -13.87
C CYS B 43 -3.65 -9.21 -12.86
N CYS B 44 -3.85 -7.99 -12.38
CA CYS B 44 -4.90 -7.70 -11.40
C CYS B 44 -6.30 -7.84 -11.99
N PHE B 45 -6.50 -7.35 -13.20
CA PHE B 45 -7.72 -7.70 -13.96
C PHE B 45 -7.95 -9.19 -14.01
N VAL B 46 -6.95 -9.96 -14.39
CA VAL B 46 -7.16 -11.41 -14.55
C VAL B 46 -7.54 -11.95 -13.17
N HIS B 47 -6.92 -11.39 -12.16
CA HIS B 47 -7.06 -11.93 -10.81
C HIS B 47 -8.42 -11.59 -10.26
N ARG B 48 -8.87 -10.37 -10.50
CA ARG B 48 -10.24 -10.04 -10.20
C ARG B 48 -11.25 -10.96 -10.94
N CYS B 49 -11.11 -11.12 -12.26
CA CYS B 49 -11.88 -12.14 -12.98
C CYS B 49 -11.87 -13.51 -12.36
N CYS B 50 -10.70 -13.95 -11.93
CA CYS B 50 -10.56 -15.19 -11.25
C CYS B 50 -11.44 -15.24 -10.00
N TYR B 51 -11.42 -14.20 -9.20
CA TYR B 51 -12.23 -14.19 -8.01
C TYR B 51 -13.69 -14.36 -8.33
N LYS B 52 -14.10 -13.70 -9.39
CA LYS B 52 -15.48 -13.75 -9.84
C LYS B 52 -15.95 -15.16 -10.11
N LYS B 53 -15.06 -16.04 -10.57
CA LYS B 53 -15.45 -17.42 -10.84
C LYS B 53 -15.72 -18.27 -9.57
N LEU B 54 -15.37 -17.73 -8.40
CA LEU B 54 -15.45 -18.45 -7.13
C LEU B 54 -16.83 -18.46 -6.48
N THR B 55 -17.18 -19.58 -5.83
CA THR B 55 -18.48 -19.74 -5.18
C THR B 55 -18.31 -20.51 -3.92
N GLY B 56 -18.69 -19.92 -2.80
CA GLY B 56 -18.82 -20.63 -1.54
C GLY B 56 -17.70 -20.28 -0.64
N CYS B 57 -16.89 -19.33 -1.08
CA CYS B 57 -15.81 -18.86 -0.26
C CYS B 57 -15.61 -17.38 -0.54
N ASP B 58 -14.93 -16.75 0.39
CA ASP B 58 -14.71 -15.34 0.38
C ASP B 58 -13.20 -15.13 0.16
N PRO B 59 -12.84 -14.60 -1.02
CA PRO B 59 -11.47 -14.25 -1.36
C PRO B 59 -10.82 -13.32 -0.40
N LYS B 60 -11.60 -12.45 0.25
CA LYS B 60 -11.04 -11.37 1.05
C LYS B 60 -10.62 -11.88 2.41
N LYS B 61 -11.47 -12.72 2.98
CA LYS B 61 -11.37 -13.02 4.41
C LYS B 61 -11.00 -14.46 4.69
N ASP B 62 -11.34 -15.34 3.77
CA ASP B 62 -11.12 -16.76 4.02
C ASP B 62 -9.69 -17.14 3.83
N ARG B 63 -9.21 -17.84 4.85
CA ARG B 63 -7.87 -18.38 4.88
C ARG B 63 -7.81 -19.69 4.11
N TYR B 64 -6.65 -20.04 3.62
CA TYR B 64 -6.50 -21.31 2.94
C TYR B 64 -5.07 -21.73 3.17
N SER B 65 -4.77 -23.00 2.93
CA SER B 65 -3.43 -23.50 3.17
C SER B 65 -2.77 -23.54 1.84
N TYR B 66 -1.57 -22.97 1.76
CA TYR B 66 -0.69 -23.19 0.64
C TYR B 66 0.65 -23.26 1.29
N SER B 67 1.61 -23.73 0.54
CA SER B 67 2.98 -23.73 1.02
C SER B 67 3.84 -23.18 -0.07
N TRP B 68 5.07 -22.88 0.32
CA TRP B 68 6.12 -22.46 -0.56
C TRP B 68 7.05 -23.65 -0.45
N GLU B 69 7.33 -24.27 -1.58
CA GLU B 69 8.06 -25.51 -1.60
C GLU B 69 8.84 -25.35 -2.84
N ASN B 70 10.16 -25.49 -2.73
CA ASN B 70 11.07 -25.18 -3.84
C ASN B 70 10.83 -23.78 -4.40
N LYS B 71 10.52 -22.86 -3.52
CA LYS B 71 10.28 -21.48 -3.96
C LYS B 71 9.17 -21.30 -5.06
N ALA B 72 8.04 -21.94 -4.86
CA ALA B 72 6.93 -21.86 -5.76
C ALA B 72 5.73 -22.10 -4.87
N ILE B 73 4.61 -21.54 -5.27
CA ILE B 73 3.45 -21.59 -4.44
C ILE B 73 2.80 -22.89 -4.72
N VAL B 74 2.44 -23.59 -3.67
CA VAL B 74 1.78 -24.88 -3.82
C VAL B 74 0.49 -24.71 -3.09
N CYS B 75 -0.61 -24.74 -3.85
CA CYS B 75 -1.93 -24.68 -3.25
C CYS B 75 -2.27 -26.11 -2.81
N GLY B 76 -1.91 -26.40 -1.58
CA GLY B 76 -2.29 -27.63 -0.95
C GLY B 76 -3.46 -27.17 -0.14
N GLU B 77 -4.64 -27.45 -0.63
CA GLU B 77 -5.86 -26.88 -0.07
C GLU B 77 -6.88 -27.76 -0.76
N LYS B 78 -7.62 -28.50 0.04
CA LYS B 78 -8.48 -29.53 -0.54
C LYS B 78 -9.79 -28.92 -0.98
N ASN B 79 -10.22 -27.92 -0.24
CA ASN B 79 -11.53 -27.40 -0.43
C ASN B 79 -11.74 -26.36 -1.50
N PRO B 80 -12.50 -26.69 -2.56
CA PRO B 80 -12.05 -26.75 -3.93
C PRO B 80 -12.31 -25.26 -4.34
N CYS B 81 -13.10 -24.55 -3.53
CA CYS B 81 -13.29 -23.11 -3.71
C CYS B 81 -12.07 -22.42 -3.19
N LEU B 82 -11.60 -22.89 -2.04
CA LEU B 82 -10.37 -22.39 -1.47
C LEU B 82 -9.15 -22.68 -2.34
N LYS B 83 -9.09 -23.86 -2.95
CA LYS B 83 -8.03 -24.30 -3.84
C LYS B 83 -7.96 -23.31 -5.03
N GLU B 84 -9.13 -23.02 -5.58
CA GLU B 84 -9.32 -22.10 -6.67
C GLU B 84 -8.96 -20.65 -6.25
N LEU B 85 -9.36 -20.26 -5.06
CA LEU B 85 -9.01 -19.00 -4.49
C LEU B 85 -7.51 -18.86 -4.41
N CYS B 86 -6.87 -19.74 -3.63
CA CYS B 86 -5.43 -19.96 -3.65
C CYS B 86 -4.83 -19.97 -5.06
N GLU B 87 -5.50 -20.60 -6.02
CA GLU B 87 -4.90 -20.62 -7.34
C GLU B 87 -5.03 -19.29 -8.10
N CYS B 88 -6.10 -18.57 -7.81
CA CYS B 88 -6.25 -17.19 -8.29
C CYS B 88 -5.11 -16.33 -7.75
N ASP B 89 -4.89 -16.47 -6.45
CA ASP B 89 -3.86 -15.74 -5.79
C ASP B 89 -2.47 -16.03 -6.29
N LYS B 90 -2.18 -17.30 -6.46
CA LYS B 90 -0.88 -17.74 -6.95
C LYS B 90 -0.69 -17.22 -8.36
N ALA B 91 -1.73 -17.36 -9.19
CA ALA B 91 -1.67 -16.80 -10.52
C ALA B 91 -1.30 -15.33 -10.51
N VAL B 92 -1.91 -14.53 -9.66
CA VAL B 92 -1.63 -13.12 -9.78
C VAL B 92 -0.20 -12.82 -9.32
N ALA B 93 0.23 -13.50 -8.27
CA ALA B 93 1.57 -13.30 -7.70
C ALA B 93 2.63 -13.59 -8.74
N ILE B 94 2.51 -14.70 -9.44
CA ILE B 94 3.38 -15.05 -10.55
C ILE B 94 3.28 -14.04 -11.67
N CYS B 95 2.04 -13.74 -12.03
CA CYS B 95 1.80 -12.77 -13.06
C CYS B 95 2.48 -11.46 -12.68
N LEU B 96 2.35 -11.00 -11.45
CA LEU B 96 2.94 -9.75 -11.11
C LEU B 96 4.43 -9.82 -11.21
N ARG B 97 4.97 -10.93 -10.73
CA ARG B 97 6.38 -11.13 -10.76
C ARG B 97 6.79 -11.12 -12.24
N LYS B 98 6.09 -11.88 -13.10
CA LYS B 98 6.53 -11.91 -14.48
C LYS B 98 6.56 -10.53 -15.07
N ASN B 99 5.76 -9.64 -14.51
CA ASN B 99 5.64 -8.36 -15.15
C ASN B 99 6.31 -7.20 -14.46
N LEU B 100 7.12 -7.53 -13.47
CA LEU B 100 7.99 -6.53 -12.82
C LEU B 100 8.77 -5.62 -13.77
N GLY B 101 9.28 -6.16 -14.88
CA GLY B 101 10.05 -5.37 -15.82
C GLY B 101 9.37 -4.13 -16.38
N THR B 102 8.05 -4.17 -16.39
CA THR B 102 7.28 -3.04 -16.92
C THR B 102 6.49 -2.31 -15.89
N TYR B 103 6.62 -2.78 -14.66
CA TYR B 103 5.93 -2.17 -13.57
C TYR B 103 6.31 -0.71 -13.70
N ASP B 104 5.31 0.18 -13.61
CA ASP B 104 5.49 1.59 -13.67
C ASP B 104 4.91 2.25 -12.43
N LYS B 105 5.76 2.83 -11.56
CA LYS B 105 5.29 3.50 -10.33
C LYS B 105 4.37 4.65 -10.60
N ASN B 106 4.44 5.23 -11.78
CA ASN B 106 3.48 6.28 -12.13
C ASN B 106 2.05 5.80 -12.19
N TYR B 107 1.86 4.50 -12.48
CA TYR B 107 0.53 3.86 -12.38
C TYR B 107 -0.01 3.65 -10.99
N ARG B 108 0.77 4.00 -9.97
CA ARG B 108 0.26 4.23 -8.62
C ARG B 108 -0.56 5.48 -8.51
N PHE B 109 -0.28 6.43 -9.41
CA PHE B 109 -0.79 7.80 -9.31
C PHE B 109 -2.04 7.89 -10.12
N THR B 110 -3.00 7.23 -9.53
CA THR B 110 -4.38 7.16 -9.87
C THR B 110 -4.91 8.45 -10.44
N MET B 111 -4.37 9.57 -9.97
CA MET B 111 -4.78 10.86 -10.46
C MET B 111 -4.01 11.34 -11.71
N LYS B 112 -2.91 10.66 -12.03
CA LYS B 112 -2.10 10.97 -13.17
C LYS B 112 -2.49 10.19 -14.44
N PHE B 113 -3.65 9.56 -14.45
CA PHE B 113 -4.11 8.82 -15.62
C PHE B 113 -5.56 8.50 -15.47
N LEU B 114 -6.15 8.14 -16.60
CA LEU B 114 -7.56 7.90 -16.71
C LEU B 114 -7.78 6.44 -17.07
N CYS B 115 -8.92 5.93 -16.66
CA CYS B 115 -9.20 4.52 -16.83
C CYS B 115 -10.25 4.37 -17.87
N ASP B 116 -9.93 3.66 -18.96
CA ASP B 116 -10.93 3.26 -19.95
C ASP B 116 -11.89 2.27 -19.31
N LYS B 117 -13.03 2.11 -19.97
CA LYS B 117 -14.02 1.10 -19.67
C LYS B 117 -13.35 -0.19 -19.27
N PRO B 118 -13.89 -0.85 -18.25
CA PRO B 118 -13.27 -2.07 -17.81
C PRO B 118 -13.25 -3.12 -18.89
N GLU B 119 -12.23 -3.95 -18.86
CA GLU B 119 -12.24 -5.00 -19.81
C GLU B 119 -13.18 -6.06 -19.26
N LYS B 120 -13.86 -6.76 -20.17
CA LYS B 120 -14.72 -7.85 -19.74
C LYS B 120 -13.93 -9.10 -19.45
N CYS B 121 -14.21 -9.72 -18.32
CA CYS B 121 -13.64 -11.02 -17.96
C CYS B 121 -14.13 -12.08 -18.90
S SO4 C . 4.91 8.48 -3.00
O1 SO4 C . 5.00 8.38 -1.56
O2 SO4 C . 5.81 9.48 -3.54
O3 SO4 C . 5.19 7.18 -3.51
O4 SO4 C . 3.60 8.92 -3.38
S SO4 D . 4.93 15.05 -5.74
O1 SO4 D . 5.31 16.45 -5.90
O2 SO4 D . 6.05 14.15 -6.03
O3 SO4 D . 4.54 14.92 -4.34
O4 SO4 D . 3.82 14.74 -6.65
C1 PEG E . 2.43 7.48 4.74
O1 PEG E . 3.69 7.03 4.25
C2 PEG E . 2.63 7.99 6.15
O2 PEG E . 2.19 6.87 6.89
C3 PEG E . 3.24 5.90 6.94
C4 PEG E . 2.73 4.48 6.79
O4 PEG E . 2.58 4.26 5.40
S SO4 F . -12.92 -5.16 -5.67
O1 SO4 F . -11.54 -5.43 -5.28
O2 SO4 F . -13.26 -6.13 -6.70
O3 SO4 F . -13.86 -5.31 -4.58
O4 SO4 F . -13.08 -3.84 -6.20
S SO4 G . 8.96 2.64 -3.84
O1 SO4 G . 9.79 2.28 -2.69
O2 SO4 G . 8.52 1.38 -4.46
O3 SO4 G . 7.80 3.45 -3.40
O4 SO4 G . 9.74 3.50 -4.72
S SO4 H . -17.93 -6.01 -12.22
O1 SO4 H . -18.26 -5.51 -10.89
O2 SO4 H . -17.88 -4.90 -13.18
O3 SO4 H . -16.60 -6.59 -12.11
O4 SO4 H . -18.86 -7.05 -12.63
C1 PEG I . -2.41 -5.53 -2.80
O1 PEG I . -1.67 -4.78 -1.83
C2 PEG I . -1.75 -6.90 -2.90
O2 PEG I . -2.41 -7.75 -3.83
C3 PEG I . -2.38 -7.37 -5.19
C4 PEG I . -3.82 -7.39 -5.62
O4 PEG I . -3.90 -8.19 -6.79
#